data_5WVO
#
_entry.id   5WVO
#
_cell.length_a   68.362
_cell.length_b   198.779
_cell.length_c   76.904
_cell.angle_alpha   90.00
_cell.angle_beta   90.00
_cell.angle_gamma   90.00
#
_symmetry.space_group_name_H-M   'C 2 2 21'
#
loop_
_entity.id
_entity.type
_entity.pdbx_description
1 polymer Ubiquitin
2 polymer 'DNA (cytosine-5)-methyltransferase 1'
3 polymer 'Histone H3.1'
4 non-polymer 'ZINC ION'
5 water water
#
loop_
_entity_poly.entity_id
_entity_poly.type
_entity_poly.pdbx_seq_one_letter_code
_entity_poly.pdbx_strand_id
1 'polypeptide(L)' MQIFVKTLTGKTITLEVEPSDTIENVKAKIQDKEGIPPDQQRLIFAGKQLEDGRTLSDYNIQKESTLHLVLRLRGC A,B
2 'polypeptide(L)'
;PKCIQCGQYLDDPDLKYGQHPPDAVDEPQMLTNEKLSIFDANESGFESYEALPQHKLTCFSVYCKHGHLCPIDTGLIEKN
IELFFSGSAKPIYDDDPSLEGGVNGKNLGPINEWWITGFDGGEKALIGFSTSFAEYILMDPSPEYAPIFGLMQEKIYISK
IVVEFLQSNSDSTYEDLINKIETTVPPSGLNLNRFTEDSLLRHAQFVVEQVESYDEAGDSDEQPIFLTPCMRDLIKLAGV
TLGQRRAQAR
;
C
3 'polypeptide(L)' ARTKQTARKSTGGKAPRCQLATCAARKSAPATGGVKW D
#
# COMPACT_ATOMS: atom_id res chain seq x y z
N MET A 1 26.16 12.33 -13.58
CA MET A 1 25.09 13.28 -13.37
C MET A 1 24.34 12.94 -12.08
N GLN A 2 23.57 13.89 -11.56
CA GLN A 2 22.75 13.67 -10.37
C GLN A 2 21.32 13.35 -10.77
N ILE A 3 20.74 12.34 -10.13
CA ILE A 3 19.30 12.12 -10.19
C ILE A 3 18.77 12.09 -8.78
N PHE A 4 17.46 12.25 -8.65
CA PHE A 4 16.81 12.22 -7.36
C PHE A 4 15.92 10.98 -7.27
N VAL A 5 15.81 10.43 -6.06
CA VAL A 5 14.92 9.31 -5.80
C VAL A 5 14.00 9.71 -4.67
N LYS A 6 12.70 9.75 -4.93
CA LYS A 6 11.71 10.24 -3.98
C LYS A 6 10.85 9.08 -3.47
N THR A 7 10.74 8.96 -2.14
CA THR A 7 9.87 7.95 -1.55
C THR A 7 8.44 8.49 -1.37
N LEU A 8 7.52 7.59 -0.98
CA LEU A 8 6.14 8.01 -0.79
C LEU A 8 5.97 9.00 0.37
N THR A 9 6.93 9.10 1.28
CA THR A 9 6.81 10.09 2.34
C THR A 9 7.26 11.47 1.88
N GLY A 10 7.80 11.59 0.69
CA GLY A 10 8.44 12.82 0.24
C GLY A 10 9.94 12.87 0.46
N LYS A 11 10.52 11.91 1.17
CA LYS A 11 11.96 11.90 1.39
C LYS A 11 12.69 11.82 0.05
N THR A 12 13.72 12.62 -0.13
CA THR A 12 14.40 12.68 -1.41
C THR A 12 15.87 12.36 -1.25
N ILE A 13 16.35 11.41 -2.03
CA ILE A 13 17.74 10.97 -2.04
C ILE A 13 18.38 11.46 -3.33
N THR A 14 19.62 11.95 -3.24
CA THR A 14 20.42 12.30 -4.40
C THR A 14 21.43 11.20 -4.71
N LEU A 15 21.49 10.77 -5.98
CA LEU A 15 22.45 9.77 -6.43
C LEU A 15 23.35 10.36 -7.49
N GLU A 16 24.55 9.80 -7.59
CA GLU A 16 25.47 10.09 -8.70
C GLU A 16 25.46 8.88 -9.62
N VAL A 17 25.08 9.12 -10.89
CA VAL A 17 24.84 8.05 -11.84
C VAL A 17 25.34 8.43 -13.23
N GLU A 18 25.46 7.42 -14.09
CA GLU A 18 25.74 7.66 -15.50
C GLU A 18 24.60 7.10 -16.33
N PRO A 19 24.35 7.66 -17.52
CA PRO A 19 23.29 7.12 -18.38
C PRO A 19 23.42 5.64 -18.68
N SER A 20 24.64 5.09 -18.69
CA SER A 20 24.78 3.65 -18.92
C SER A 20 24.49 2.79 -17.68
N ASP A 21 24.32 3.37 -16.50
CA ASP A 21 23.95 2.54 -15.34
C ASP A 21 22.61 1.82 -15.56
N THR A 22 22.55 0.57 -15.11
CA THR A 22 21.31 -0.19 -15.11
C THR A 22 20.49 0.14 -13.85
N ILE A 23 19.20 -0.18 -13.93
CA ILE A 23 18.31 -0.02 -12.78
C ILE A 23 18.84 -0.84 -11.60
N GLU A 24 19.43 -2.01 -11.91
CA GLU A 24 20.06 -2.83 -10.88
C GLU A 24 21.16 -2.06 -10.14
N ASN A 25 22.03 -1.36 -10.89
CA ASN A 25 23.06 -0.51 -10.29
C ASN A 25 22.46 0.58 -9.41
N VAL A 26 21.37 1.21 -9.87
CA VAL A 26 20.76 2.28 -9.10
C VAL A 26 20.20 1.76 -7.79
N LYS A 27 19.59 0.55 -7.81
CA LYS A 27 19.10 -0.04 -6.57
C LYS A 27 20.24 -0.32 -5.60
N ALA A 28 21.39 -0.75 -6.12
CA ALA A 28 22.58 -0.95 -5.29
C ALA A 28 23.05 0.36 -4.66
N LYS A 29 23.00 1.47 -5.42
CA LYS A 29 23.38 2.76 -4.85
C LYS A 29 22.38 3.24 -3.81
N ILE A 30 21.09 2.90 -3.99
CA ILE A 30 20.10 3.21 -2.97
C ILE A 30 20.37 2.39 -1.71
N GLN A 31 20.73 1.12 -1.88
CA GLN A 31 21.11 0.29 -0.74
C GLN A 31 22.31 0.89 -0.01
N ASP A 32 23.35 1.27 -0.77
CA ASP A 32 24.53 1.89 -0.20
C ASP A 32 24.18 3.11 0.65
N LYS A 33 23.25 3.94 0.18
CA LYS A 33 22.98 5.18 0.89
C LYS A 33 21.96 4.99 2.01
N GLU A 34 20.94 4.17 1.79
CA GLU A 34 19.82 4.09 2.71
C GLU A 34 19.69 2.76 3.42
N GLY A 35 20.46 1.75 3.02
CA GLY A 35 20.40 0.47 3.67
C GLY A 35 19.27 -0.42 3.22
N ILE A 36 18.47 0.00 2.26
CA ILE A 36 17.30 -0.77 1.81
C ILE A 36 17.75 -1.89 0.89
N PRO A 37 17.44 -3.15 1.18
CA PRO A 37 17.79 -4.23 0.25
C PRO A 37 17.17 -4.01 -1.12
N PRO A 38 17.92 -4.25 -2.20
CA PRO A 38 17.34 -4.06 -3.54
C PRO A 38 16.07 -4.86 -3.78
N ASP A 39 15.93 -6.04 -3.15
CA ASP A 39 14.71 -6.81 -3.36
C ASP A 39 13.46 -6.14 -2.78
N GLN A 40 13.61 -5.11 -1.95
CA GLN A 40 12.44 -4.34 -1.51
C GLN A 40 12.06 -3.22 -2.46
N GLN A 41 12.95 -2.83 -3.39
CA GLN A 41 12.81 -1.58 -4.12
C GLN A 41 12.07 -1.78 -5.44
N ARG A 42 11.03 -0.98 -5.66
CA ARG A 42 10.40 -0.79 -6.96
C ARG A 42 10.69 0.64 -7.38
N LEU A 43 11.32 0.82 -8.55
CA LEU A 43 11.58 2.15 -9.09
C LEU A 43 10.63 2.43 -10.25
N ILE A 44 10.03 3.63 -10.24
CA ILE A 44 9.04 4.03 -11.20
C ILE A 44 9.48 5.35 -11.83
N PHE A 45 9.34 5.47 -13.15
CA PHE A 45 9.64 6.71 -13.86
C PHE A 45 8.70 6.83 -15.04
N ALA A 46 8.14 8.03 -15.22
CA ALA A 46 7.18 8.30 -16.29
C ALA A 46 6.01 7.33 -16.22
N GLY A 47 5.57 7.00 -15.00
CA GLY A 47 4.37 6.20 -14.83
C GLY A 47 4.56 4.70 -14.95
N LYS A 48 5.78 4.21 -15.12
CA LYS A 48 5.99 2.77 -15.32
C LYS A 48 7.09 2.26 -14.41
N GLN A 49 6.88 1.05 -13.88
CA GLN A 49 7.94 0.42 -13.12
C GLN A 49 9.08 0.01 -14.03
N LEU A 50 10.30 0.18 -13.53
CA LEU A 50 11.52 0.01 -14.32
C LEU A 50 12.09 -1.41 -14.16
N GLU A 51 12.69 -1.91 -15.24
CA GLU A 51 13.27 -3.26 -15.28
C GLU A 51 14.76 -3.24 -14.96
N ASP A 52 15.19 -4.18 -14.09
CA ASP A 52 16.54 -4.16 -13.53
C ASP A 52 17.63 -4.18 -14.59
N GLY A 53 17.42 -4.93 -15.67
CA GLY A 53 18.45 -5.04 -16.71
C GLY A 53 18.56 -3.85 -17.64
N ARG A 54 17.59 -2.95 -17.65
CA ARG A 54 17.64 -1.81 -18.56
C ARG A 54 18.39 -0.65 -17.94
N THR A 55 18.78 0.31 -18.79
CA THR A 55 19.64 1.42 -18.37
C THR A 55 18.86 2.72 -18.27
N LEU A 56 19.49 3.72 -17.65
CA LEU A 56 18.86 5.03 -17.56
C LEU A 56 18.67 5.64 -18.95
N SER A 57 19.66 5.42 -19.83
CA SER A 57 19.51 5.80 -21.24
C SER A 57 18.27 5.17 -21.88
N ASP A 58 18.03 3.88 -21.65
CA ASP A 58 16.83 3.23 -22.21
C ASP A 58 15.55 3.95 -21.85
N TYR A 59 15.49 4.55 -20.65
CA TYR A 59 14.27 5.16 -20.16
C TYR A 59 14.28 6.68 -20.31
N ASN A 60 15.34 7.25 -20.87
CA ASN A 60 15.46 8.71 -21.00
C ASN A 60 15.41 9.39 -19.63
N ILE A 61 16.03 8.74 -18.64
CA ILE A 61 16.22 9.36 -17.34
C ILE A 61 17.40 10.31 -17.47
N GLN A 62 17.19 11.59 -17.20
CA GLN A 62 18.17 12.60 -17.56
C GLN A 62 18.67 13.29 -16.29
N LYS A 63 19.61 14.23 -16.47
CA LYS A 63 20.10 14.98 -15.32
C LYS A 63 18.94 15.58 -14.52
N GLU A 64 18.96 15.34 -13.21
CA GLU A 64 17.97 15.82 -12.25
C GLU A 64 16.58 15.26 -12.51
N SER A 65 16.47 14.17 -13.25
CA SER A 65 15.23 13.39 -13.22
C SER A 65 14.94 12.91 -11.79
N THR A 66 13.67 12.68 -11.50
CA THR A 66 13.24 12.12 -10.22
C THR A 66 12.64 10.73 -10.46
N LEU A 67 13.17 9.73 -9.78
CA LEU A 67 12.56 8.41 -9.76
C LEU A 67 11.73 8.26 -8.50
N HIS A 68 10.65 7.50 -8.60
CA HIS A 68 9.79 7.21 -7.45
C HIS A 68 10.17 5.85 -6.89
N LEU A 69 10.46 5.80 -5.60
CA LEU A 69 10.85 4.57 -4.94
C LEU A 69 9.67 4.07 -4.11
N VAL A 70 9.14 2.90 -4.46
CA VAL A 70 8.06 2.25 -3.76
C VAL A 70 8.62 0.94 -3.19
N LEU A 71 8.27 0.62 -1.94
CA LEU A 71 8.92 -0.48 -1.24
C LEU A 71 7.95 -1.63 -1.05
N ARG A 72 8.48 -2.85 -1.21
CA ARG A 72 7.78 -4.08 -0.87
C ARG A 72 7.97 -4.26 0.64
N LEU A 73 6.97 -3.85 1.41
CA LEU A 73 7.15 -3.63 2.85
C LEU A 73 7.23 -4.94 3.62
N ARG A 74 8.15 -4.99 4.59
CA ARG A 74 8.10 -6.01 5.65
C ARG A 74 6.94 -5.73 6.59
N GLY A 75 6.22 -6.78 6.97
CA GLY A 75 5.12 -6.64 7.91
C GLY A 75 4.73 -7.96 8.52
N CYS A 76 4.01 -7.88 9.64
CA CYS A 76 3.62 -9.08 10.35
C CYS A 76 2.10 -9.26 10.39
N MET B 1 -8.41 -20.83 -30.92
CA MET B 1 -7.94 -19.48 -31.15
C MET B 1 -7.07 -19.01 -29.98
N GLN B 2 -6.36 -17.93 -30.20
CA GLN B 2 -5.45 -17.42 -29.20
C GLN B 2 -6.09 -16.22 -28.52
N ILE B 3 -5.99 -16.16 -27.20
CA ILE B 3 -6.29 -14.93 -26.47
C ILE B 3 -5.14 -14.65 -25.53
N PHE B 4 -5.14 -13.45 -24.98
CA PHE B 4 -4.14 -13.04 -24.00
C PHE B 4 -4.83 -12.75 -22.67
N VAL B 5 -4.07 -12.96 -21.59
CA VAL B 5 -4.50 -12.61 -20.25
C VAL B 5 -3.38 -11.78 -19.64
N LYS B 6 -3.70 -10.56 -19.26
CA LYS B 6 -2.75 -9.66 -18.62
C LYS B 6 -3.07 -9.58 -17.14
N THR B 7 -2.05 -9.78 -16.30
CA THR B 7 -2.23 -9.78 -14.86
C THR B 7 -2.00 -8.38 -14.30
N LEU B 8 -2.22 -8.24 -12.99
CA LEU B 8 -1.87 -7.03 -12.27
C LEU B 8 -0.46 -7.07 -11.71
N THR B 9 0.35 -8.06 -12.11
CA THR B 9 1.75 -8.18 -11.73
C THR B 9 2.69 -7.95 -12.92
N GLY B 10 2.18 -7.48 -14.05
CA GLY B 10 2.99 -7.16 -15.20
C GLY B 10 3.29 -8.35 -16.09
N LYS B 11 2.46 -9.39 -16.07
CA LYS B 11 2.67 -10.56 -16.91
C LYS B 11 1.57 -10.64 -17.96
N THR B 12 1.96 -11.07 -19.17
CA THR B 12 1.01 -11.36 -20.25
C THR B 12 1.04 -12.86 -20.50
N ILE B 13 -0.13 -13.50 -20.43
CA ILE B 13 -0.29 -14.95 -20.56
C ILE B 13 -0.95 -15.21 -21.92
N THR B 14 -0.43 -16.18 -22.67
CA THR B 14 -1.08 -16.60 -23.91
C THR B 14 -1.83 -17.91 -23.67
N LEU B 15 -3.09 -17.97 -24.12
CA LEU B 15 -3.94 -19.15 -23.95
C LEU B 15 -4.45 -19.63 -25.29
N GLU B 16 -4.71 -20.93 -25.36
CA GLU B 16 -5.42 -21.56 -26.48
C GLU B 16 -6.83 -21.85 -26.03
N VAL B 17 -7.81 -21.29 -26.74
CA VAL B 17 -9.17 -21.19 -26.23
C VAL B 17 -10.13 -21.43 -27.38
N GLU B 18 -11.36 -21.84 -27.05
CA GLU B 18 -12.43 -21.96 -28.05
C GLU B 18 -13.58 -21.00 -27.71
N PRO B 19 -14.30 -20.49 -28.72
CA PRO B 19 -15.48 -19.63 -28.42
C PRO B 19 -16.45 -20.29 -27.46
N SER B 20 -16.64 -21.60 -27.57
CA SER B 20 -17.55 -22.34 -26.72
C SER B 20 -17.00 -22.59 -25.31
N ASP B 21 -15.77 -22.17 -25.00
CA ASP B 21 -15.27 -22.38 -23.64
C ASP B 21 -15.99 -21.46 -22.66
N THR B 22 -16.35 -22.01 -21.50
CA THR B 22 -16.93 -21.19 -20.46
C THR B 22 -15.84 -20.40 -19.75
N ILE B 23 -16.25 -19.36 -19.01
CA ILE B 23 -15.29 -18.61 -18.21
C ILE B 23 -14.58 -19.54 -17.24
N GLU B 24 -15.31 -20.51 -16.67
N GLU B 24 -15.30 -20.52 -16.67
CA GLU B 24 -14.72 -21.52 -15.79
CA GLU B 24 -14.66 -21.49 -15.78
C GLU B 24 -13.61 -22.30 -16.50
C GLU B 24 -13.58 -22.29 -16.51
N ASN B 25 -13.84 -22.67 -17.77
CA ASN B 25 -12.82 -23.36 -18.55
C ASN B 25 -11.58 -22.49 -18.73
N VAL B 26 -11.77 -21.21 -19.03
CA VAL B 26 -10.63 -20.32 -19.19
C VAL B 26 -9.83 -20.24 -17.88
N LYS B 27 -10.52 -20.16 -16.75
CA LYS B 27 -9.81 -20.11 -15.48
C LYS B 27 -9.02 -21.40 -15.23
N ALA B 28 -9.58 -22.55 -15.61
CA ALA B 28 -8.85 -23.81 -15.49
C ALA B 28 -7.59 -23.81 -16.35
N LYS B 29 -7.66 -23.21 -17.54
CA LYS B 29 -6.47 -23.05 -18.38
C LYS B 29 -5.42 -22.18 -17.70
N ILE B 30 -5.84 -21.11 -17.04
CA ILE B 30 -4.91 -20.28 -16.30
C ILE B 30 -4.30 -21.07 -15.14
N GLN B 31 -5.11 -21.90 -14.47
CA GLN B 31 -4.55 -22.78 -13.45
C GLN B 31 -3.50 -23.71 -14.03
N ASP B 32 -3.81 -24.34 -15.18
CA ASP B 32 -2.86 -25.26 -15.82
C ASP B 32 -1.52 -24.59 -16.09
N LYS B 33 -1.54 -23.31 -16.47
CA LYS B 33 -0.32 -22.64 -16.89
C LYS B 33 0.39 -21.88 -15.78
N GLU B 34 -0.34 -21.22 -14.89
CA GLU B 34 0.26 -20.38 -13.86
C GLU B 34 0.15 -20.97 -12.46
N GLY B 35 -0.68 -21.99 -12.24
CA GLY B 35 -0.84 -22.57 -10.93
C GLY B 35 -1.82 -21.86 -10.02
N ILE B 36 -2.62 -20.93 -10.53
CA ILE B 36 -3.53 -20.14 -9.72
C ILE B 36 -4.86 -20.89 -9.64
N PRO B 37 -5.36 -21.24 -8.45
CA PRO B 37 -6.68 -21.89 -8.36
C PRO B 37 -7.76 -21.02 -8.97
N PRO B 38 -8.69 -21.63 -9.73
CA PRO B 38 -9.73 -20.83 -10.39
C PRO B 38 -10.60 -20.02 -9.45
N ASP B 39 -10.86 -20.47 -8.21
CA ASP B 39 -11.72 -19.68 -7.32
C ASP B 39 -11.06 -18.37 -6.89
N GLN B 40 -9.76 -18.22 -7.05
CA GLN B 40 -9.09 -16.97 -6.73
C GLN B 40 -9.02 -16.01 -7.92
N GLN B 41 -9.46 -16.43 -9.10
CA GLN B 41 -9.41 -15.62 -10.31
C GLN B 41 -10.69 -14.80 -10.54
N ARG B 42 -10.50 -13.53 -10.94
CA ARG B 42 -11.54 -12.72 -11.56
C ARG B 42 -11.05 -12.26 -12.93
N LEU B 43 -11.89 -12.40 -13.95
CA LEU B 43 -11.52 -12.02 -15.31
C LEU B 43 -12.39 -10.86 -15.77
N ILE B 44 -11.75 -9.78 -16.20
CA ILE B 44 -12.39 -8.54 -16.59
C ILE B 44 -12.07 -8.28 -18.06
N PHE B 45 -13.06 -7.84 -18.82
CA PHE B 45 -12.82 -7.48 -20.21
C PHE B 45 -13.62 -6.23 -20.52
N ALA B 46 -12.93 -5.19 -20.98
CA ALA B 46 -13.57 -3.94 -21.38
C ALA B 46 -14.41 -3.35 -20.24
N GLY B 47 -13.92 -3.47 -19.01
CA GLY B 47 -14.59 -2.94 -17.84
C GLY B 47 -15.55 -3.91 -17.14
N LYS B 48 -15.88 -5.04 -17.74
CA LYS B 48 -16.96 -5.90 -17.27
C LYS B 48 -16.41 -7.19 -16.68
N GLN B 49 -16.90 -7.58 -15.52
CA GLN B 49 -16.45 -8.83 -14.93
C GLN B 49 -17.14 -10.00 -15.64
N LEU B 50 -16.33 -10.95 -16.09
CA LEU B 50 -16.85 -12.08 -16.85
C LEU B 50 -17.32 -13.16 -15.88
N GLU B 51 -18.55 -13.61 -16.06
CA GLU B 51 -19.21 -14.50 -15.11
C GLU B 51 -19.04 -15.98 -15.46
N ASP B 52 -18.80 -16.78 -14.43
CA ASP B 52 -18.84 -18.22 -14.56
C ASP B 52 -20.17 -18.66 -15.18
N GLY B 53 -20.09 -19.65 -16.03
CA GLY B 53 -21.25 -20.19 -16.69
C GLY B 53 -21.57 -19.58 -18.03
N ARG B 54 -21.00 -18.42 -18.36
CA ARG B 54 -21.08 -17.88 -19.71
C ARG B 54 -19.87 -18.33 -20.52
N THR B 55 -20.01 -18.33 -21.83
CA THR B 55 -18.93 -18.71 -22.73
C THR B 55 -18.25 -17.45 -23.31
N LEU B 56 -17.09 -17.65 -23.94
CA LEU B 56 -16.46 -16.51 -24.61
C LEU B 56 -17.33 -15.95 -25.73
N SER B 57 -18.06 -16.82 -26.45
CA SER B 57 -18.96 -16.30 -27.48
C SER B 57 -20.16 -15.54 -26.89
N ASP B 58 -20.64 -15.93 -25.70
CA ASP B 58 -21.68 -15.14 -25.04
C ASP B 58 -21.27 -13.68 -24.90
N TYR B 59 -20.01 -13.46 -24.53
CA TYR B 59 -19.41 -12.13 -24.43
C TYR B 59 -18.85 -11.63 -25.75
N ASN B 60 -19.01 -12.40 -26.83
CA ASN B 60 -18.53 -12.00 -28.16
C ASN B 60 -17.03 -11.69 -28.13
N ILE B 61 -16.28 -12.50 -27.39
CA ILE B 61 -14.85 -12.30 -27.23
C ILE B 61 -14.13 -13.00 -28.37
N GLN B 62 -13.33 -12.24 -29.11
CA GLN B 62 -12.75 -12.74 -30.34
C GLN B 62 -11.28 -13.08 -30.16
N LYS B 63 -10.73 -13.75 -31.17
CA LYS B 63 -9.32 -14.07 -31.15
C LYS B 63 -8.51 -12.80 -30.90
N GLU B 64 -7.39 -12.98 -30.19
CA GLU B 64 -6.44 -11.95 -29.83
C GLU B 64 -7.03 -10.88 -28.91
N SER B 65 -8.18 -11.15 -28.29
CA SER B 65 -8.66 -10.32 -27.19
C SER B 65 -7.69 -10.42 -26.02
N THR B 66 -7.63 -9.36 -25.20
CA THR B 66 -6.81 -9.36 -23.99
C THR B 66 -7.74 -9.27 -22.79
N LEU B 67 -7.79 -10.33 -21.99
CA LEU B 67 -8.53 -10.32 -20.74
C LEU B 67 -7.62 -9.84 -19.61
N HIS B 68 -8.25 -9.32 -18.54
CA HIS B 68 -7.51 -8.78 -17.41
C HIS B 68 -7.82 -9.58 -16.15
N LEU B 69 -6.78 -10.17 -15.56
CA LEU B 69 -6.88 -11.13 -14.47
C LEU B 69 -6.63 -10.43 -13.14
N VAL B 70 -7.60 -10.53 -12.22
CA VAL B 70 -7.49 -9.97 -10.88
C VAL B 70 -7.56 -11.12 -9.89
N LEU B 71 -6.63 -11.18 -8.96
CA LEU B 71 -6.57 -12.31 -8.04
C LEU B 71 -7.14 -11.90 -6.70
N ARG B 72 -7.88 -12.80 -6.08
CA ARG B 72 -8.32 -12.63 -4.71
C ARG B 72 -7.50 -13.61 -3.88
N LEU B 73 -6.69 -13.09 -2.98
CA LEU B 73 -5.89 -13.98 -2.16
C LEU B 73 -6.79 -14.76 -1.21
N ARG B 74 -6.35 -15.95 -0.84
CA ARG B 74 -7.06 -16.78 0.13
C ARG B 74 -6.54 -16.44 1.53
N GLY B 75 -7.46 -16.13 2.44
CA GLY B 75 -7.04 -15.66 3.74
C GLY B 75 -6.43 -14.27 3.70
N CYS B 76 -5.72 -13.95 4.78
CA CYS B 76 -5.12 -12.64 4.98
C CYS B 76 -4.16 -12.67 6.17
N CYS C 3 -26.19 0.05 16.05
CA CYS C 3 -26.07 -0.89 14.94
C CYS C 3 -25.40 -2.19 15.38
N ILE C 4 -25.86 -3.31 14.82
CA ILE C 4 -25.27 -4.61 15.11
C ILE C 4 -23.88 -4.76 14.50
N GLN C 5 -23.48 -3.87 13.59
CA GLN C 5 -22.14 -3.84 13.04
C GLN C 5 -21.34 -2.67 13.61
N CYS C 6 -21.77 -1.43 13.35
CA CYS C 6 -21.24 -0.20 13.92
C CYS C 6 -21.06 -0.27 15.44
N GLY C 7 -22.13 0.11 16.14
CA GLY C 7 -22.13 0.29 17.57
C GLY C 7 -22.63 1.67 17.97
N LEU C 15 -23.75 11.75 13.55
CA LEU C 15 -23.79 10.59 12.66
C LEU C 15 -23.82 11.06 11.21
N LYS C 16 -22.93 10.50 10.39
CA LYS C 16 -22.87 10.73 8.96
C LYS C 16 -22.97 9.40 8.21
N TYR C 17 -23.29 9.48 6.92
CA TYR C 17 -23.54 8.29 6.11
C TYR C 17 -22.69 8.32 4.84
N GLY C 18 -22.54 7.15 4.22
CA GLY C 18 -21.57 6.93 3.16
C GLY C 18 -22.19 7.02 1.78
N GLN C 19 -21.58 7.85 0.93
CA GLN C 19 -22.02 8.12 -0.42
C GLN C 19 -20.84 7.93 -1.37
N HIS C 20 -21.13 7.89 -2.67
CA HIS C 20 -20.09 7.69 -3.66
C HIS C 20 -20.60 8.16 -5.02
N PRO C 21 -19.72 8.56 -5.92
CA PRO C 21 -20.16 9.04 -7.23
C PRO C 21 -20.92 7.95 -7.96
N PRO C 22 -21.82 8.31 -8.88
CA PRO C 22 -22.59 7.30 -9.60
C PRO C 22 -21.74 6.44 -10.55
N ASP C 23 -20.54 6.87 -10.91
CA ASP C 23 -19.70 6.11 -11.82
C ASP C 23 -18.74 5.16 -11.10
N ALA C 24 -18.84 5.04 -9.78
CA ALA C 24 -17.96 4.16 -9.04
C ALA C 24 -18.22 2.71 -9.38
N VAL C 25 -17.15 1.90 -9.44
CA VAL C 25 -17.25 0.48 -9.74
C VAL C 25 -16.70 -0.33 -8.57
N ASP C 26 -16.92 -1.63 -8.63
CA ASP C 26 -16.43 -2.54 -7.61
C ASP C 26 -14.92 -2.75 -7.75
N GLU C 27 -14.35 -3.45 -6.77
CA GLU C 27 -12.89 -3.47 -6.61
C GLU C 27 -12.16 -4.11 -7.77
N PRO C 28 -12.50 -5.33 -8.24
CA PRO C 28 -11.75 -5.89 -9.38
C PRO C 28 -11.86 -5.04 -10.64
N GLN C 29 -13.04 -4.50 -10.93
CA GLN C 29 -13.21 -3.67 -12.12
C GLN C 29 -12.38 -2.39 -12.00
N MET C 30 -12.31 -1.85 -10.79
CA MET C 30 -11.53 -0.63 -10.56
C MET C 30 -10.04 -0.88 -10.80
N LEU C 31 -9.52 -2.00 -10.28
CA LEU C 31 -8.09 -2.30 -10.33
C LEU C 31 -7.59 -2.57 -11.75
N THR C 32 -8.45 -2.92 -12.69
CA THR C 32 -7.99 -3.16 -14.06
C THR C 32 -8.11 -1.92 -14.94
N ASN C 33 -8.60 -0.81 -14.41
CA ASN C 33 -8.65 0.42 -15.20
C ASN C 33 -7.24 0.81 -15.64
N GLU C 34 -7.11 1.29 -16.88
CA GLU C 34 -5.78 1.53 -17.41
C GLU C 34 -5.05 2.66 -16.65
N LYS C 35 -5.80 3.57 -16.01
CA LYS C 35 -5.17 4.62 -15.20
C LYS C 35 -4.28 4.06 -14.09
N LEU C 36 -4.53 2.83 -13.64
CA LEU C 36 -3.73 2.22 -12.60
C LEU C 36 -2.68 1.26 -13.14
N SER C 37 -2.52 1.16 -14.46
CA SER C 37 -1.53 0.25 -15.04
C SER C 37 -0.13 0.82 -14.85
N ILE C 38 0.67 0.13 -14.06
N ILE C 38 0.68 0.13 -14.07
CA ILE C 38 2.00 0.58 -13.69
CA ILE C 38 2.00 0.60 -13.72
C ILE C 38 3.09 -0.23 -14.37
C ILE C 38 3.09 -0.21 -14.40
N PHE C 39 2.73 -1.25 -15.14
CA PHE C 39 3.69 -2.09 -15.85
C PHE C 39 3.50 -2.04 -17.36
N ASP C 40 4.60 -2.19 -18.08
CA ASP C 40 4.57 -2.62 -19.48
C ASP C 40 4.75 -4.12 -19.45
N ALA C 41 3.63 -4.85 -19.53
CA ALA C 41 3.60 -6.28 -19.24
C ALA C 41 4.49 -7.06 -20.21
N ASN C 42 5.15 -8.10 -19.71
CA ASN C 42 5.90 -8.99 -20.57
C ASN C 42 5.63 -10.43 -20.17
N GLU C 43 6.39 -11.34 -20.77
CA GLU C 43 6.19 -12.77 -20.59
C GLU C 43 6.60 -13.25 -19.19
N SER C 44 7.50 -12.55 -18.54
CA SER C 44 8.03 -12.98 -17.25
C SER C 44 7.25 -12.43 -16.07
N GLY C 45 6.69 -11.21 -16.19
CA GLY C 45 6.07 -10.54 -15.07
C GLY C 45 7.07 -9.75 -14.25
N PHE C 46 6.55 -8.85 -13.43
CA PHE C 46 7.38 -8.03 -12.54
C PHE C 46 7.26 -8.41 -11.07
N GLU C 47 6.06 -8.74 -10.60
CA GLU C 47 5.82 -9.03 -9.19
C GLU C 47 5.32 -10.46 -9.01
N SER C 48 5.44 -10.96 -7.79
CA SER C 48 4.88 -12.26 -7.44
C SER C 48 3.36 -12.21 -7.46
N TYR C 49 2.73 -13.35 -7.78
CA TYR C 49 1.28 -13.48 -7.63
C TYR C 49 0.84 -13.30 -6.18
N GLU C 50 1.73 -13.54 -5.22
CA GLU C 50 1.43 -13.33 -3.81
C GLU C 50 1.49 -11.86 -3.37
N ALA C 51 1.99 -10.97 -4.22
CA ALA C 51 2.01 -9.55 -3.87
C ALA C 51 0.72 -8.89 -4.35
N LEU C 52 0.06 -8.17 -3.44
CA LEU C 52 -1.12 -7.42 -3.83
C LEU C 52 -0.70 -6.20 -4.64
N PRO C 53 -1.48 -5.83 -5.66
CA PRO C 53 -1.30 -4.51 -6.27
C PRO C 53 -1.43 -3.43 -5.20
N GLN C 54 -0.67 -2.34 -5.35
CA GLN C 54 -0.65 -1.28 -4.35
C GLN C 54 -0.84 0.07 -5.03
N HIS C 55 -1.85 0.82 -4.57
CA HIS C 55 -2.24 2.10 -5.17
C HIS C 55 -2.46 3.15 -4.08
N LYS C 56 -2.55 4.41 -4.51
CA LYS C 56 -3.05 5.48 -3.65
C LYS C 56 -4.57 5.50 -3.66
N LEU C 57 -5.16 6.05 -2.60
CA LEU C 57 -6.62 6.15 -2.52
C LEU C 57 -6.99 7.48 -1.89
N THR C 58 -7.75 8.31 -2.61
CA THR C 58 -8.12 9.63 -2.11
C THR C 58 -9.63 9.76 -2.03
N CYS C 59 -10.09 10.83 -1.38
CA CYS C 59 -11.52 11.06 -1.10
C CYS C 59 -12.17 9.81 -0.51
N PHE C 60 -11.51 9.25 0.49
CA PHE C 60 -11.92 7.95 1.02
C PHE C 60 -12.87 8.11 2.20
N SER C 61 -13.63 7.06 2.45
CA SER C 61 -14.55 7.00 3.57
C SER C 61 -14.73 5.54 3.93
N VAL C 62 -14.82 5.25 5.23
CA VAL C 62 -14.95 3.88 5.74
C VAL C 62 -16.31 3.74 6.42
N TYR C 63 -17.02 2.66 6.13
CA TYR C 63 -18.37 2.48 6.67
C TYR C 63 -18.62 1.02 7.00
N CYS C 64 -19.65 0.80 7.83
CA CYS C 64 -19.98 -0.56 8.20
C CYS C 64 -20.82 -1.21 7.10
N LYS C 65 -21.00 -2.52 7.25
CA LYS C 65 -21.74 -3.36 6.31
C LYS C 65 -23.12 -2.78 5.96
N HIS C 66 -23.54 -1.69 6.62
CA HIS C 66 -24.75 -1.05 6.14
C HIS C 66 -24.87 0.45 6.42
N GLY C 67 -23.83 1.22 6.07
CA GLY C 67 -23.99 2.60 5.63
C GLY C 67 -23.33 3.68 6.46
N HIS C 68 -23.02 3.45 7.73
CA HIS C 68 -22.59 4.55 8.60
C HIS C 68 -21.08 4.69 8.52
N LEU C 69 -20.61 5.91 8.36
CA LEU C 69 -19.19 6.20 8.51
C LEU C 69 -18.72 5.76 9.88
N CYS C 70 -17.55 5.15 9.94
N CYS C 70 -17.57 5.11 9.92
CA CYS C 70 -17.10 4.62 11.22
CA CYS C 70 -17.01 4.48 11.10
C CYS C 70 -15.58 4.64 11.30
C CYS C 70 -15.54 4.84 11.27
N PRO C 71 -15.03 4.80 12.50
CA PRO C 71 -13.58 4.78 12.68
C PRO C 71 -13.02 3.38 12.49
N ILE C 72 -11.70 3.32 12.36
CA ILE C 72 -11.02 2.04 12.19
C ILE C 72 -10.17 1.67 13.39
N ASP C 73 -10.03 2.56 14.38
CA ASP C 73 -9.12 2.34 15.50
C ASP C 73 -9.85 2.16 16.83
N THR C 74 -11.14 1.78 16.81
CA THR C 74 -11.90 1.60 18.03
C THR C 74 -12.16 0.15 18.35
N GLY C 75 -11.54 -0.77 17.62
CA GLY C 75 -11.67 -2.18 17.88
C GLY C 75 -12.65 -2.90 16.97
N LEU C 76 -13.41 -2.19 16.13
CA LEU C 76 -14.31 -2.85 15.19
C LEU C 76 -13.59 -3.90 14.35
N ILE C 77 -12.38 -3.58 13.88
CA ILE C 77 -11.63 -4.52 13.04
C ILE C 77 -11.30 -5.77 13.83
N GLU C 78 -10.97 -5.62 15.11
CA GLU C 78 -10.56 -6.77 15.91
C GLU C 78 -11.77 -7.62 16.32
N LYS C 79 -12.95 -7.03 16.38
CA LYS C 79 -14.21 -7.76 16.52
C LYS C 79 -14.68 -8.38 15.21
N ASN C 80 -13.84 -8.31 14.17
CA ASN C 80 -14.12 -8.92 12.87
C ASN C 80 -15.36 -8.36 12.21
N ILE C 81 -15.81 -7.18 12.62
CA ILE C 81 -16.78 -6.42 11.84
C ILE C 81 -16.16 -6.06 10.50
N GLU C 82 -16.98 -6.12 9.44
CA GLU C 82 -16.49 -5.88 8.08
C GLU C 82 -16.67 -4.42 7.76
N LEU C 83 -15.57 -3.69 7.61
CA LEU C 83 -15.65 -2.30 7.22
C LEU C 83 -15.31 -2.22 5.74
N PHE C 84 -16.16 -1.58 4.97
CA PHE C 84 -15.92 -1.36 3.56
C PHE C 84 -15.52 0.10 3.36
N PHE C 85 -15.04 0.41 2.16
CA PHE C 85 -14.63 1.78 1.93
C PHE C 85 -14.81 2.17 0.48
N SER C 86 -15.00 3.46 0.24
CA SER C 86 -15.09 4.03 -1.09
C SER C 86 -13.99 5.06 -1.27
N GLY C 87 -13.78 5.48 -2.50
CA GLY C 87 -12.75 6.45 -2.80
C GLY C 87 -12.28 6.35 -4.23
N SER C 88 -11.30 7.19 -4.54
CA SER C 88 -10.73 7.31 -5.88
C SER C 88 -9.29 6.75 -5.83
N ALA C 89 -9.10 5.61 -6.48
CA ALA C 89 -7.79 4.99 -6.56
C ALA C 89 -6.92 5.72 -7.58
N LYS C 90 -5.65 5.92 -7.26
CA LYS C 90 -4.74 6.66 -8.12
C LYS C 90 -3.42 5.90 -8.19
N PRO C 91 -2.58 6.21 -9.19
CA PRO C 91 -1.27 5.54 -9.27
C PRO C 91 -0.48 5.73 -7.98
N ILE C 92 0.28 4.70 -7.63
CA ILE C 92 0.96 4.66 -6.34
C ILE C 92 1.90 5.86 -6.14
N TYR C 93 2.48 6.40 -7.22
CA TYR C 93 3.42 7.52 -7.12
C TYR C 93 2.72 8.87 -7.04
N ASP C 94 1.40 8.92 -7.24
CA ASP C 94 0.69 10.19 -7.34
C ASP C 94 0.67 10.93 -5.99
N ASP C 95 1.04 12.21 -6.02
CA ASP C 95 0.98 13.07 -4.84
C ASP C 95 -0.18 14.06 -4.88
N ASP C 96 -0.99 14.04 -5.92
CA ASP C 96 -2.11 14.96 -6.05
C ASP C 96 -3.35 14.34 -5.42
N PRO C 97 -3.85 14.85 -4.30
CA PRO C 97 -5.01 14.24 -3.65
C PRO C 97 -6.35 14.58 -4.29
N SER C 98 -6.39 15.26 -5.43
CA SER C 98 -7.66 15.50 -6.09
C SER C 98 -8.17 14.22 -6.73
N LEU C 99 -9.46 14.24 -7.12
CA LEU C 99 -10.08 13.16 -7.86
C LEU C 99 -9.54 13.04 -9.27
N GLU C 100 -8.76 14.01 -9.73
CA GLU C 100 -8.24 14.06 -11.08
C GLU C 100 -7.33 12.87 -11.37
N GLY C 101 -7.64 12.15 -12.43
CA GLY C 101 -6.82 11.01 -12.78
C GLY C 101 -7.05 9.80 -11.91
N GLY C 102 -8.05 9.83 -11.01
CA GLY C 102 -8.39 8.68 -10.20
C GLY C 102 -9.45 7.79 -10.85
N VAL C 103 -9.72 6.67 -10.21
CA VAL C 103 -10.75 5.73 -10.63
C VAL C 103 -11.65 5.50 -9.42
N ASN C 104 -12.89 5.94 -9.51
CA ASN C 104 -13.80 5.84 -8.38
C ASN C 104 -14.19 4.39 -8.11
N GLY C 105 -14.01 3.97 -6.85
CA GLY C 105 -14.39 2.64 -6.42
C GLY C 105 -15.39 2.71 -5.27
N LYS C 106 -16.23 1.69 -5.19
CA LYS C 106 -17.22 1.61 -4.12
C LYS C 106 -17.22 0.21 -3.50
N ASN C 107 -17.56 0.17 -2.21
CA ASN C 107 -17.66 -1.07 -1.43
C ASN C 107 -16.39 -1.90 -1.55
N LEU C 108 -15.25 -1.21 -1.49
CA LEU C 108 -13.98 -1.91 -1.50
C LEU C 108 -13.77 -2.62 -0.17
N GLY C 109 -12.99 -3.68 -0.20
CA GLY C 109 -12.69 -4.40 1.00
C GLY C 109 -13.53 -5.67 1.15
N PRO C 110 -13.80 -6.08 2.39
CA PRO C 110 -13.53 -5.37 3.65
C PRO C 110 -12.06 -5.23 4.01
N ILE C 111 -11.78 -4.27 4.90
CA ILE C 111 -10.44 -4.03 5.41
C ILE C 111 -10.01 -5.23 6.25
N ASN C 112 -8.99 -5.97 5.79
CA ASN C 112 -8.44 -7.05 6.59
C ASN C 112 -7.39 -6.56 7.57
N GLU C 113 -6.75 -5.43 7.28
CA GLU C 113 -5.65 -4.95 8.08
C GLU C 113 -5.43 -3.49 7.71
N TRP C 114 -5.12 -2.65 8.70
CA TRP C 114 -4.65 -1.30 8.41
C TRP C 114 -3.34 -1.09 9.14
N TRP C 115 -2.49 -0.22 8.59
CA TRP C 115 -1.10 -0.16 9.00
C TRP C 115 -0.51 1.22 8.75
N ILE C 116 0.63 1.45 9.39
CA ILE C 116 1.40 2.69 9.28
C ILE C 116 2.71 2.36 8.58
N THR C 117 3.16 3.24 7.67
CA THR C 117 4.47 3.05 7.09
C THR C 117 5.08 4.42 6.83
N GLY C 118 6.28 4.42 6.26
CA GLY C 118 6.96 5.66 6.00
C GLY C 118 7.89 6.11 7.09
N PHE C 119 8.51 5.18 7.81
CA PHE C 119 9.48 5.54 8.86
C PHE C 119 10.80 5.97 8.23
N ASP C 120 10.72 6.90 7.28
CA ASP C 120 11.76 7.36 6.37
C ASP C 120 12.62 8.48 6.91
N GLY C 121 12.13 9.24 7.88
CA GLY C 121 12.58 10.60 8.01
C GLY C 121 11.88 11.55 7.07
N GLY C 122 11.07 11.05 6.14
CA GLY C 122 10.28 11.90 5.29
C GLY C 122 9.16 12.59 6.05
N GLU C 123 8.53 13.56 5.38
CA GLU C 123 7.54 14.41 6.06
C GLU C 123 6.28 13.63 6.44
N LYS C 124 5.78 12.78 5.56
CA LYS C 124 4.46 12.18 5.76
C LYS C 124 4.53 10.93 6.62
N ALA C 125 3.52 10.77 7.47
CA ALA C 125 3.10 9.47 7.95
C ALA C 125 2.10 8.91 6.94
N LEU C 126 2.26 7.64 6.59
CA LEU C 126 1.42 6.98 5.59
C LEU C 126 0.58 5.93 6.27
N ILE C 127 -0.70 5.87 5.93
CA ILE C 127 -1.61 4.84 6.42
C ILE C 127 -2.02 3.98 5.24
N GLY C 128 -2.07 2.68 5.46
CA GLY C 128 -2.45 1.75 4.41
C GLY C 128 -3.57 0.83 4.85
N PHE C 129 -4.39 0.43 3.88
CA PHE C 129 -5.41 -0.61 4.03
C PHE C 129 -4.98 -1.82 3.21
N SER C 130 -5.21 -3.02 3.74
CA SER C 130 -5.04 -4.25 2.97
C SER C 130 -6.39 -4.93 2.82
N THR C 131 -6.77 -5.22 1.58
CA THR C 131 -7.93 -6.05 1.26
C THR C 131 -7.46 -7.34 0.64
N SER C 132 -8.42 -8.21 0.32
CA SER C 132 -8.06 -9.46 -0.33
C SER C 132 -7.69 -9.27 -1.80
N PHE C 133 -7.88 -8.06 -2.36
CA PHE C 133 -7.53 -7.75 -3.75
C PHE C 133 -6.35 -6.79 -3.91
N ALA C 134 -6.15 -5.86 -2.99
CA ALA C 134 -5.18 -4.79 -3.19
C ALA C 134 -4.82 -4.16 -1.85
N GLU C 135 -3.79 -3.32 -1.91
CA GLU C 135 -3.36 -2.45 -0.81
C GLU C 135 -3.47 -1.01 -1.25
N TYR C 136 -3.85 -0.12 -0.33
CA TYR C 136 -4.12 1.26 -0.65
C TYR C 136 -3.43 2.17 0.35
N ILE C 137 -2.66 3.12 -0.12
CA ILE C 137 -2.04 4.11 0.73
C ILE C 137 -2.91 5.36 0.68
N LEU C 138 -3.35 5.84 1.84
CA LEU C 138 -4.38 6.87 1.88
C LEU C 138 -3.80 8.24 1.57
N MET C 139 -4.59 9.06 0.88
CA MET C 139 -4.27 10.47 0.70
C MET C 139 -5.26 11.27 1.53
N ASP C 140 -6.26 11.99 0.88
CA ASP C 140 -7.14 12.81 1.73
C ASP C 140 -8.49 12.14 1.95
N PRO C 141 -9.08 12.23 3.14
CA PRO C 141 -10.42 11.69 3.34
C PRO C 141 -11.45 12.54 2.62
N SER C 142 -12.62 11.94 2.36
CA SER C 142 -13.73 12.72 1.84
C SER C 142 -14.08 13.81 2.85
N PRO C 143 -14.72 14.89 2.41
CA PRO C 143 -15.10 15.94 3.38
C PRO C 143 -15.95 15.42 4.52
N GLU C 144 -16.84 14.45 4.26
CA GLU C 144 -17.71 13.96 5.32
C GLU C 144 -17.07 12.87 6.18
N TYR C 145 -16.05 12.17 5.67
CA TYR C 145 -15.28 11.28 6.53
C TYR C 145 -14.15 12.00 7.25
N ALA C 146 -13.82 13.22 6.81
CA ALA C 146 -12.66 13.94 7.36
C ALA C 146 -12.69 14.15 8.87
N PRO C 147 -13.83 14.45 9.50
CA PRO C 147 -13.80 14.54 10.98
C PRO C 147 -13.37 13.26 11.65
N ILE C 148 -13.93 12.12 11.23
CA ILE C 148 -13.58 10.83 11.84
C ILE C 148 -12.08 10.52 11.66
N PHE C 149 -11.56 10.78 10.46
CA PHE C 149 -10.16 10.45 10.16
C PHE C 149 -9.20 11.31 10.97
N GLY C 150 -9.55 12.57 11.17
CA GLY C 150 -8.67 13.48 11.88
C GLY C 150 -8.45 13.08 13.34
N LEU C 151 -9.40 12.36 13.94
CA LEU C 151 -9.28 12.00 15.34
C LEU C 151 -8.06 11.15 15.60
N MET C 152 -7.66 10.38 14.59
CA MET C 152 -6.60 9.40 14.66
C MET C 152 -5.23 9.97 14.30
N GLN C 153 -5.17 11.16 13.70
CA GLN C 153 -3.95 11.58 13.01
C GLN C 153 -2.80 11.85 13.96
N GLU C 154 -3.09 12.39 15.16
CA GLU C 154 -2.01 12.74 16.07
C GLU C 154 -1.27 11.52 16.59
N LYS C 155 -2.00 10.47 17.00
CA LYS C 155 -1.27 9.31 17.49
C LYS C 155 -0.50 8.61 16.36
N ILE C 156 -1.01 8.64 15.12
CA ILE C 156 -0.26 8.08 13.99
C ILE C 156 1.07 8.79 13.86
N TYR C 157 1.05 10.13 13.88
CA TYR C 157 2.26 10.89 13.63
C TYR C 157 3.26 10.73 14.76
N ILE C 158 2.78 10.71 16.02
CA ILE C 158 3.69 10.50 17.14
C ILE C 158 4.39 9.15 17.00
N SER C 159 3.63 8.10 16.63
CA SER C 159 4.23 6.79 16.41
C SER C 159 5.36 6.85 15.39
N LYS C 160 5.16 7.61 14.31
CA LYS C 160 6.21 7.80 13.31
C LYS C 160 7.48 8.40 13.92
N ILE C 161 7.32 9.51 14.66
CA ILE C 161 8.46 10.18 15.29
C ILE C 161 9.18 9.24 16.26
N VAL C 162 8.42 8.51 17.09
CA VAL C 162 9.05 7.61 18.05
C VAL C 162 9.86 6.55 17.34
N VAL C 163 9.25 5.86 16.37
CA VAL C 163 9.97 4.81 15.66
C VAL C 163 11.21 5.39 15.00
N GLU C 164 11.09 6.56 14.37
CA GLU C 164 12.22 7.11 13.64
C GLU C 164 13.32 7.56 14.57
N PHE C 165 12.97 8.05 15.76
CA PHE C 165 13.99 8.48 16.73
C PHE C 165 14.70 7.27 17.32
N LEU C 166 13.96 6.21 17.64
CA LEU C 166 14.58 4.99 18.16
C LEU C 166 15.44 4.29 17.11
N GLN C 167 15.08 4.42 15.82
CA GLN C 167 15.91 3.84 14.78
C GLN C 167 17.27 4.53 14.72
N SER C 168 17.31 5.84 14.89
CA SER C 168 18.53 6.62 14.66
C SER C 168 19.23 7.03 15.95
N ASN C 169 18.74 6.58 17.10
CA ASN C 169 19.25 6.96 18.42
C ASN C 169 19.00 5.80 19.37
N SER C 170 19.58 4.64 19.07
CA SER C 170 19.45 3.49 19.97
C SER C 170 20.00 3.84 21.36
N ASP C 171 21.09 4.61 21.42
CA ASP C 171 21.74 4.98 22.67
C ASP C 171 21.21 6.29 23.25
N SER C 172 19.95 6.63 22.98
CA SER C 172 19.38 7.88 23.46
C SER C 172 18.53 7.62 24.69
N THR C 173 18.02 8.71 25.27
CA THR C 173 17.31 8.67 26.54
C THR C 173 15.94 9.32 26.41
N TYR C 174 15.05 8.97 27.34
CA TYR C 174 13.66 9.40 27.25
C TYR C 174 13.53 10.90 27.06
N GLU C 175 14.31 11.67 27.83
CA GLU C 175 14.24 13.12 27.73
C GLU C 175 14.64 13.61 26.34
N ASP C 176 15.60 12.94 25.72
CA ASP C 176 15.96 13.31 24.35
C ASP C 176 14.83 12.98 23.36
N LEU C 177 14.07 11.93 23.62
CA LEU C 177 12.92 11.63 22.78
C LEU C 177 11.84 12.71 22.92
N ILE C 178 11.62 13.20 24.16
CA ILE C 178 10.64 14.26 24.35
C ILE C 178 11.10 15.54 23.67
N ASN C 179 12.40 15.85 23.73
CA ASN C 179 12.92 17.01 23.02
C ASN C 179 12.68 16.90 21.52
N LYS C 180 12.85 15.71 20.95
CA LYS C 180 12.57 15.54 19.53
C LYS C 180 11.08 15.72 19.24
N ILE C 181 10.22 15.22 20.13
CA ILE C 181 8.79 15.38 19.93
C ILE C 181 8.40 16.84 20.04
N GLU C 182 8.94 17.55 21.02
CA GLU C 182 8.56 18.94 21.24
C GLU C 182 9.05 19.85 20.11
N THR C 183 10.16 19.51 19.47
CA THR C 183 10.71 20.36 18.41
C THR C 183 10.23 19.95 17.02
N THR C 184 9.50 18.86 16.90
CA THR C 184 8.98 18.45 15.59
C THR C 184 7.76 19.29 15.26
N VAL C 185 7.85 20.08 14.19
CA VAL C 185 6.71 20.88 13.76
C VAL C 185 5.59 19.96 13.31
N PRO C 186 4.41 20.02 13.92
CA PRO C 186 3.31 19.14 13.51
C PRO C 186 2.90 19.43 12.08
N PRO C 187 2.61 18.41 11.28
CA PRO C 187 2.22 18.67 9.89
C PRO C 187 0.87 19.36 9.78
N SER C 188 0.70 20.05 8.65
CA SER C 188 -0.51 20.80 8.36
C SER C 188 -1.74 19.91 8.44
N GLY C 189 -2.89 20.55 8.60
CA GLY C 189 -4.12 19.81 8.75
C GLY C 189 -4.29 19.15 10.09
N LEU C 190 -3.23 18.99 10.89
CA LEU C 190 -3.43 18.54 12.26
C LEU C 190 -3.92 19.66 13.18
N ASN C 191 -3.70 20.91 12.80
CA ASN C 191 -4.23 22.07 13.52
C ASN C 191 -3.74 22.10 14.97
N LEU C 192 -2.44 21.88 15.15
CA LEU C 192 -1.79 22.08 16.44
C LEU C 192 -0.53 22.90 16.27
N ASN C 193 -0.22 23.69 17.29
CA ASN C 193 0.98 24.51 17.26
C ASN C 193 2.22 23.67 17.50
N ARG C 194 2.16 22.74 18.44
CA ARG C 194 3.33 22.00 18.88
C ARG C 194 2.90 20.70 19.52
N PHE C 195 3.73 19.68 19.36
CA PHE C 195 3.58 18.49 20.19
C PHE C 195 4.13 18.77 21.58
N THR C 196 3.59 18.05 22.56
CA THR C 196 4.00 18.17 23.95
C THR C 196 4.21 16.78 24.51
N GLU C 197 4.86 16.71 25.68
CA GLU C 197 5.09 15.40 26.28
C GLU C 197 3.78 14.64 26.51
N ASP C 198 2.68 15.36 26.71
CA ASP C 198 1.42 14.64 26.88
C ASP C 198 0.91 14.10 25.55
N SER C 199 1.25 14.74 24.43
CA SER C 199 0.92 14.17 23.13
C SER C 199 1.39 12.72 23.04
N LEU C 200 2.55 12.42 23.64
CA LEU C 200 3.03 11.04 23.67
C LEU C 200 2.31 10.22 24.73
N LEU C 201 2.09 10.79 25.92
CA LEU C 201 1.62 9.98 27.04
C LEU C 201 0.17 9.59 26.90
N ARG C 202 -0.69 10.47 26.39
CA ARG C 202 -2.09 10.08 26.25
C ARG C 202 -2.27 8.97 25.21
N HIS C 203 -1.31 8.79 24.31
CA HIS C 203 -1.37 7.77 23.27
C HIS C 203 -0.35 6.65 23.47
N ALA C 204 0.12 6.46 24.71
CA ALA C 204 1.33 5.67 24.95
C ALA C 204 1.11 4.18 24.65
N GLN C 205 -0.08 3.66 24.95
CA GLN C 205 -0.36 2.26 24.64
C GLN C 205 -0.28 2.00 23.14
N PHE C 206 -0.97 2.82 22.34
CA PHE C 206 -0.91 2.67 20.88
C PHE C 206 0.52 2.81 20.37
N VAL C 207 1.22 3.87 20.80
CA VAL C 207 2.58 4.13 20.33
C VAL C 207 3.49 2.94 20.64
N VAL C 208 3.38 2.39 21.86
CA VAL C 208 4.24 1.27 22.22
C VAL C 208 3.90 0.05 21.39
N GLU C 209 2.61 -0.16 21.13
CA GLU C 209 2.20 -1.28 20.28
C GLU C 209 2.72 -1.11 18.86
N GLN C 210 2.77 0.13 18.36
CA GLN C 210 3.32 0.35 17.03
C GLN C 210 4.81 0.07 16.99
N VAL C 211 5.55 0.48 18.03
CA VAL C 211 6.99 0.20 18.10
C VAL C 211 7.25 -1.30 18.10
N GLU C 212 6.48 -2.06 18.87
CA GLU C 212 6.78 -3.47 18.95
C GLU C 212 6.36 -4.20 17.67
N SER C 213 5.26 -3.77 17.04
CA SER C 213 4.87 -4.31 15.74
C SER C 213 5.93 -4.03 14.68
N TYR C 214 6.47 -2.80 14.69
CA TYR C 214 7.58 -2.47 13.80
C TYR C 214 8.80 -3.34 14.09
N ASP C 215 9.08 -3.58 15.37
CA ASP C 215 10.18 -4.47 15.74
C ASP C 215 9.95 -5.87 15.19
N GLU C 216 8.73 -6.40 15.37
CA GLU C 216 8.41 -7.76 14.94
C GLU C 216 8.61 -7.94 13.44
N ALA C 217 8.33 -6.90 12.65
CA ALA C 217 8.51 -6.98 11.20
C ALA C 217 9.96 -6.90 10.77
N GLY C 218 10.87 -6.57 11.68
CA GLY C 218 12.27 -6.51 11.32
C GLY C 218 12.86 -7.88 11.07
N ASP C 219 13.89 -7.92 10.22
CA ASP C 219 14.61 -9.16 9.98
C ASP C 219 15.38 -9.55 11.24
N SER C 220 15.49 -10.86 11.47
CA SER C 220 16.13 -11.36 12.67
C SER C 220 17.63 -11.04 12.72
N ASP C 221 18.07 -9.97 12.05
CA ASP C 221 19.47 -9.58 12.10
C ASP C 221 19.70 -8.08 12.16
N GLU C 222 18.68 -7.29 12.53
CA GLU C 222 18.87 -5.87 12.79
C GLU C 222 18.44 -5.54 14.21
N GLN C 223 19.04 -4.50 14.76
CA GLN C 223 18.91 -4.21 16.19
C GLN C 223 17.47 -3.83 16.52
N PRO C 224 16.86 -4.43 17.53
CA PRO C 224 15.50 -4.03 17.92
C PRO C 224 15.49 -2.61 18.46
N ILE C 225 14.28 -2.07 18.58
CA ILE C 225 14.10 -0.76 19.17
C ILE C 225 13.20 -0.79 20.39
N PHE C 226 12.46 -1.87 20.63
CA PHE C 226 11.65 -2.07 21.82
C PHE C 226 12.49 -1.95 23.08
N LEU C 227 13.47 -2.84 23.22
CA LEU C 227 14.31 -2.94 24.42
C LEU C 227 15.33 -1.80 24.41
N THR C 228 14.86 -0.64 24.86
CA THR C 228 15.64 0.58 24.88
C THR C 228 15.39 1.27 26.21
N PRO C 229 16.30 2.14 26.64
CA PRO C 229 15.99 3.02 27.78
C PRO C 229 14.73 3.85 27.57
N CYS C 230 14.57 4.46 26.39
CA CYS C 230 13.41 5.32 26.14
C CYS C 230 12.10 4.58 26.38
N MET C 231 11.99 3.34 25.86
CA MET C 231 10.70 2.66 25.94
C MET C 231 10.36 2.23 27.35
N ARG C 232 11.35 1.76 28.12
CA ARG C 232 11.03 1.27 29.46
C ARG C 232 10.65 2.41 30.38
N ASP C 233 11.28 3.57 30.23
CA ASP C 233 10.77 4.75 30.91
C ASP C 233 9.34 5.06 30.47
N LEU C 234 9.06 5.00 29.17
CA LEU C 234 7.72 5.30 28.69
C LEU C 234 6.71 4.29 29.20
N ILE C 235 7.05 3.00 29.17
CA ILE C 235 6.14 1.97 29.68
C ILE C 235 5.84 2.23 31.16
N LYS C 236 6.88 2.56 31.93
CA LYS C 236 6.69 2.82 33.36
C LYS C 236 5.87 4.09 33.57
N LEU C 237 6.33 5.20 33.00
CA LEU C 237 5.74 6.51 33.24
C LEU C 237 4.28 6.60 32.83
N ALA C 238 3.83 5.74 31.92
CA ALA C 238 2.48 5.85 31.38
C ALA C 238 1.58 4.67 31.69
N GLY C 239 2.07 3.66 32.38
CA GLY C 239 1.21 2.54 32.74
C GLY C 239 0.91 1.59 31.61
N VAL C 240 1.84 1.45 30.66
CA VAL C 240 1.57 0.60 29.49
C VAL C 240 1.67 -0.86 29.90
N THR C 241 0.69 -1.65 29.49
CA THR C 241 0.61 -3.07 29.82
C THR C 241 1.67 -3.89 29.09
N ARG D 2 26.96 1.40 4.85
CA ARG D 2 25.75 1.82 5.55
C ARG D 2 24.93 0.61 5.94
N THR D 3 24.47 0.61 7.19
CA THR D 3 23.90 -0.60 7.79
C THR D 3 22.53 -0.92 7.20
N LYS D 4 22.29 -2.22 6.99
CA LYS D 4 20.99 -2.70 6.53
C LYS D 4 19.84 -2.09 7.33
N GLN D 5 18.80 -1.69 6.61
CA GLN D 5 17.62 -1.09 7.22
C GLN D 5 16.43 -1.45 6.33
N THR D 6 15.63 -2.41 6.76
CA THR D 6 14.48 -2.81 5.96
C THR D 6 13.37 -1.77 6.07
N ALA D 7 12.55 -1.70 5.01
CA ALA D 7 11.37 -0.84 5.00
C ALA D 7 10.19 -1.63 5.56
N ARG D 8 9.47 -1.03 6.51
CA ARG D 8 8.48 -1.79 7.27
C ARG D 8 7.19 -1.01 7.46
N LYS D 9 6.14 -1.75 7.76
CA LYS D 9 4.88 -1.21 8.24
C LYS D 9 4.63 -1.73 9.65
N SER D 10 3.93 -0.93 10.46
CA SER D 10 3.44 -1.37 11.75
C SER D 10 1.95 -1.60 11.66
N THR D 11 1.44 -2.64 12.32
CA THR D 11 0.03 -2.99 12.20
C THR D 11 -0.80 -2.12 13.14
N GLY D 12 -1.74 -1.37 12.57
CA GLY D 12 -2.67 -0.59 13.37
C GLY D 12 -3.86 -1.42 13.80
N GLY D 13 -4.23 -2.39 12.96
CA GLY D 13 -5.36 -3.24 13.26
C GLY D 13 -5.45 -4.37 12.27
N LYS D 14 -5.94 -5.52 12.72
CA LYS D 14 -5.95 -6.75 11.94
C LYS D 14 -7.15 -7.57 12.37
N ALA D 15 -7.89 -8.09 11.41
CA ALA D 15 -9.07 -8.89 11.76
C ALA D 15 -8.63 -10.28 12.22
N PRO D 16 -9.34 -10.86 13.20
CA PRO D 16 -8.99 -12.21 13.67
C PRO D 16 -9.14 -13.28 12.60
N ARG D 17 -9.91 -13.02 11.54
CA ARG D 17 -9.97 -13.90 10.36
C ARG D 17 -8.63 -14.11 9.68
N CYS D 18 -7.59 -13.31 9.99
CA CYS D 18 -6.33 -13.34 9.26
C CYS D 18 -5.29 -14.22 9.97
N GLN D 19 -4.92 -15.33 9.34
CA GLN D 19 -3.80 -16.18 9.77
C GLN D 19 -2.74 -16.22 8.67
N LEU D 20 -1.47 -16.23 9.08
CA LEU D 20 -0.36 -16.16 8.13
C LEU D 20 0.97 -16.63 8.74
#